data_2HBF
#
_entry.id   2HBF
#
_cell.length_a   54.050
_cell.length_b   54.050
_cell.length_c   193.800
_cell.angle_alpha   90.00
_cell.angle_beta   90.00
_cell.angle_gamma   90.00
#
_symmetry.space_group_name_H-M   'P 41 21 2'
#
loop_
_entity.id
_entity.type
_entity.pdbx_description
1 polymer 'HEMOGLOBIN A (N-PROPYL ISOCYANIDE) (ALPHA CHAIN)'
2 polymer 'HEMOGLOBIN A (N-PROPYL ISOCYANIDE) (BETA CHAIN)'
3 non-polymer 'PROTOPORPHYRIN IX CONTAINING FE'
4 non-polymer 'N-PROPYL ISOCYANIDE'
5 water water
#
loop_
_entity_poly.entity_id
_entity_poly.type
_entity_poly.pdbx_seq_one_letter_code
_entity_poly.pdbx_strand_id
1 'polypeptide(L)'
;VLSPADKTNVKAAWGKVGAHAGEYGAEALERMFLSFPTTKTYFPHFDLSHGSAQVKGHGKKVADALTNAVAHVDDMPNAL
SALSDLHAHKLRVDPVNFKLLSHCLLVTLAAHLPAEFTPAVHASLDKFLASVSTVLTSKYR
;
A
2 'polypeptide(L)'
;VHLTPEEKSAVTALWGKVNVDEVGGEALGRLLVVYPWTQRFFESFGDLSTPDAVMGNPKVKAHGKKVLGAFSDGLAHLDN
LKGTFATLSELHCDKLHVDPENFRLLGNVLVCVLAHHFGKEFTPPVQAAYQKVVAGVANALAHKYH
;
B
#
loop_
_chem_comp.id
_chem_comp.type
_chem_comp.name
_chem_comp.formula
HEM non-polymer 'PROTOPORPHYRIN IX CONTAINING FE' 'C34 H32 Fe N4 O4'
NPN non-polymer 'N-PROPYL ISOCYANIDE' 'C4 H7 N'
#
# COMPACT_ATOMS: atom_id res chain seq x y z
N VAL A 1 10.80 -14.85 -7.03
CA VAL A 1 10.41 -16.13 -7.67
C VAL A 1 9.45 -15.93 -8.81
N LEU A 2 8.35 -15.22 -8.57
CA LEU A 2 7.53 -14.71 -9.67
C LEU A 2 7.12 -15.80 -10.65
N SER A 3 5.95 -16.33 -10.39
CA SER A 3 5.48 -17.48 -11.10
C SER A 3 5.22 -17.05 -12.54
N PRO A 4 4.78 -18.00 -13.38
CA PRO A 4 4.46 -17.55 -14.74
C PRO A 4 3.21 -16.66 -14.83
N ALA A 5 2.22 -16.90 -13.97
CA ALA A 5 1.07 -16.00 -13.88
C ALA A 5 1.45 -14.55 -13.51
N ASP A 6 2.27 -14.41 -12.45
CA ASP A 6 2.66 -13.07 -12.02
C ASP A 6 3.29 -12.28 -13.17
N LYS A 7 4.24 -12.89 -13.87
CA LYS A 7 4.95 -12.27 -14.98
C LYS A 7 3.98 -11.76 -16.01
N THR A 8 3.04 -12.63 -16.37
CA THR A 8 2.01 -12.29 -17.33
C THR A 8 1.27 -11.07 -16.79
N ASN A 9 0.93 -11.13 -15.49
CA ASN A 9 0.14 -10.05 -14.88
C ASN A 9 0.90 -8.74 -14.87
N VAL A 10 2.17 -8.80 -14.52
CA VAL A 10 2.95 -7.57 -14.43
C VAL A 10 3.11 -6.97 -15.83
N LYS A 11 3.27 -7.85 -16.81
CA LYS A 11 3.45 -7.44 -18.19
C LYS A 11 2.18 -6.80 -18.69
N ALA A 12 1.05 -7.34 -18.31
CA ALA A 12 -0.18 -6.79 -18.77
C ALA A 12 -0.41 -5.41 -18.24
N ALA A 13 -0.28 -5.30 -16.92
CA ALA A 13 -0.62 -4.06 -16.20
C ALA A 13 0.38 -2.93 -16.58
N TRP A 14 1.63 -3.29 -16.75
CA TRP A 14 2.60 -2.29 -17.14
C TRP A 14 2.22 -1.87 -18.54
N GLY A 15 1.80 -2.84 -19.35
CA GLY A 15 1.36 -2.49 -20.68
C GLY A 15 0.29 -1.41 -20.72
N LYS A 16 -0.81 -1.62 -20.03
CA LYS A 16 -1.80 -0.59 -19.86
C LYS A 16 -1.18 0.73 -19.43
N VAL A 17 -0.13 0.72 -18.63
CA VAL A 17 0.35 1.98 -18.04
C VAL A 17 0.98 2.74 -19.19
N GLY A 18 1.60 1.99 -20.08
CA GLY A 18 2.11 2.55 -21.33
C GLY A 18 2.83 3.90 -21.20
N ALA A 19 2.53 4.81 -22.12
CA ALA A 19 3.19 6.11 -22.11
C ALA A 19 2.94 6.92 -20.83
N HIS A 20 1.97 6.57 -19.98
CA HIS A 20 1.85 7.31 -18.72
C HIS A 20 2.89 6.94 -17.63
N ALA A 21 3.85 6.06 -17.92
CA ALA A 21 4.70 5.51 -16.86
C ALA A 21 5.44 6.61 -16.07
N GLY A 22 6.03 7.53 -16.82
CA GLY A 22 6.64 8.69 -16.22
C GLY A 22 5.72 9.60 -15.44
N GLU A 23 4.49 9.83 -15.87
CA GLU A 23 3.58 10.68 -15.13
C GLU A 23 3.19 9.91 -13.88
N TYR A 24 3.22 8.57 -14.00
CA TYR A 24 2.81 7.73 -12.86
C TYR A 24 3.86 7.70 -11.79
N GLY A 25 5.10 7.70 -12.22
CA GLY A 25 6.19 7.72 -11.27
C GLY A 25 6.18 9.01 -10.48
N ALA A 26 5.93 10.12 -11.17
CA ALA A 26 6.14 11.42 -10.56
C ALA A 26 5.05 11.53 -9.52
N GLU A 27 3.93 10.84 -9.78
CA GLU A 27 2.81 10.95 -8.85
C GLU A 27 3.10 10.10 -7.61
N ALA A 28 3.77 8.97 -7.84
CA ALA A 28 4.06 8.06 -6.78
C ALA A 28 5.03 8.73 -5.86
N LEU A 29 5.96 9.49 -6.42
CA LEU A 29 6.96 10.19 -5.60
C LEU A 29 6.32 11.26 -4.73
N GLU A 30 5.41 11.99 -5.35
CA GLU A 30 4.57 12.91 -4.64
C GLU A 30 3.77 12.28 -3.49
N ARG A 31 3.15 11.10 -3.70
CA ARG A 31 2.35 10.52 -2.63
C ARG A 31 3.24 10.08 -1.51
N MET A 32 4.46 9.69 -1.86
CA MET A 32 5.42 9.21 -0.83
C MET A 32 5.97 10.33 0.03
N PHE A 33 6.41 11.40 -0.64
CA PHE A 33 7.00 12.54 0.05
C PHE A 33 5.96 13.19 0.96
N LEU A 34 4.71 13.23 0.52
CA LEU A 34 3.68 13.72 1.42
C LEU A 34 3.35 12.70 2.50
N SER A 35 3.07 11.45 2.14
CA SER A 35 2.54 10.56 3.16
C SER A 35 3.60 10.24 4.17
N PHE A 36 4.86 10.17 3.73
CA PHE A 36 5.94 9.61 4.54
C PHE A 36 7.09 10.61 4.55
N PRO A 37 6.93 11.67 5.39
CA PRO A 37 7.91 12.78 5.47
C PRO A 37 9.34 12.35 5.78
N THR A 38 9.51 11.20 6.38
CA THR A 38 10.81 10.75 6.73
C THR A 38 11.69 10.42 5.51
N THR A 39 11.07 10.12 4.36
CA THR A 39 11.80 9.82 3.12
C THR A 39 12.41 11.09 2.52
N LYS A 40 11.93 12.26 2.91
CA LYS A 40 12.39 13.52 2.33
C LYS A 40 13.83 13.80 2.75
N THR A 41 14.27 13.04 3.74
CA THR A 41 15.61 13.11 4.23
C THR A 41 16.67 12.77 3.21
N TYR A 42 16.31 12.03 2.18
CA TYR A 42 17.23 11.68 1.12
C TYR A 42 17.21 12.65 -0.04
N PHE A 43 16.36 13.67 0.01
CA PHE A 43 16.23 14.54 -1.13
C PHE A 43 16.24 15.98 -0.69
N PRO A 44 17.30 16.39 0.03
CA PRO A 44 17.32 17.72 0.63
C PRO A 44 17.70 18.72 -0.44
N HIS A 45 18.17 18.25 -1.56
CA HIS A 45 18.45 19.15 -2.65
C HIS A 45 17.27 19.42 -3.64
N PHE A 46 16.08 18.90 -3.35
CA PHE A 46 14.99 18.96 -4.34
C PHE A 46 14.05 19.98 -3.85
N ASP A 47 13.27 20.48 -4.79
CA ASP A 47 12.10 21.19 -4.41
C ASP A 47 10.98 20.17 -4.61
N LEU A 48 10.27 19.88 -3.53
CA LEU A 48 9.41 18.73 -3.47
C LEU A 48 7.97 19.22 -3.53
N SER A 49 7.74 20.45 -3.99
CA SER A 49 6.37 20.96 -4.06
C SER A 49 5.59 20.35 -5.22
N HIS A 50 4.28 20.49 -5.18
CA HIS A 50 3.43 19.90 -6.20
C HIS A 50 3.93 19.93 -7.64
N GLY A 51 4.48 21.04 -8.13
CA GLY A 51 4.76 21.02 -9.56
C GLY A 51 6.24 20.90 -9.87
N SER A 52 7.01 20.59 -8.86
CA SER A 52 8.44 20.60 -9.02
C SER A 52 8.81 19.87 -10.27
N ALA A 53 9.54 20.53 -11.14
CA ALA A 53 10.11 19.80 -12.27
C ALA A 53 11.18 18.79 -11.81
N GLN A 54 11.80 18.98 -10.64
CA GLN A 54 12.70 17.94 -10.22
C GLN A 54 11.95 16.65 -9.87
N VAL A 55 10.82 16.74 -9.20
CA VAL A 55 10.03 15.52 -8.95
C VAL A 55 9.57 14.88 -10.27
N LYS A 56 9.10 15.68 -11.23
CA LYS A 56 8.74 15.12 -12.53
C LYS A 56 9.92 14.36 -13.14
N GLY A 57 11.08 14.98 -13.15
CA GLY A 57 12.19 14.42 -13.88
C GLY A 57 12.61 13.18 -13.15
N HIS A 58 12.37 13.16 -11.86
CA HIS A 58 12.75 11.98 -11.13
C HIS A 58 11.79 10.82 -11.22
N GLY A 59 10.49 11.11 -11.11
CA GLY A 59 9.45 10.19 -11.56
C GLY A 59 9.71 9.48 -12.89
N LYS A 60 10.13 10.15 -13.96
CA LYS A 60 10.41 9.46 -15.21
C LYS A 60 11.55 8.49 -15.01
N LYS A 61 12.57 8.93 -14.26
CA LYS A 61 13.72 8.08 -13.97
C LYS A 61 13.37 6.78 -13.22
N VAL A 62 12.43 6.87 -12.27
CA VAL A 62 11.97 5.74 -11.50
C VAL A 62 11.18 4.86 -12.43
N ALA A 63 10.32 5.48 -13.26
CA ALA A 63 9.44 4.73 -14.21
C ALA A 63 10.26 3.92 -15.23
N ASP A 64 11.31 4.54 -15.77
CA ASP A 64 12.14 3.87 -16.74
C ASP A 64 12.88 2.70 -16.13
N ALA A 65 13.44 2.87 -14.93
CA ALA A 65 14.10 1.76 -14.27
C ALA A 65 13.15 0.58 -14.11
N LEU A 66 11.90 0.89 -13.77
CA LEU A 66 10.92 -0.18 -13.54
C LEU A 66 10.57 -0.88 -14.83
N THR A 67 10.48 -0.08 -15.90
CA THR A 67 10.22 -0.57 -17.24
C THR A 67 11.33 -1.48 -17.70
N ASN A 68 12.58 -1.07 -17.48
CA ASN A 68 13.72 -1.95 -17.64
C ASN A 68 13.63 -3.31 -16.89
N ALA A 69 13.16 -3.29 -15.63
CA ALA A 69 12.94 -4.52 -14.81
C ALA A 69 11.88 -5.47 -15.41
N VAL A 70 10.72 -4.89 -15.72
CA VAL A 70 9.66 -5.62 -16.40
C VAL A 70 10.18 -6.24 -17.68
N ALA A 71 10.96 -5.50 -18.45
CA ALA A 71 11.40 -6.00 -19.76
C ALA A 71 12.46 -7.09 -19.53
N HIS A 72 13.09 -7.09 -18.37
CA HIS A 72 14.16 -8.02 -18.08
C HIS A 72 13.88 -8.73 -16.80
N VAL A 73 12.67 -9.24 -16.71
CA VAL A 73 12.16 -9.78 -15.44
C VAL A 73 12.78 -11.09 -15.01
N ASP A 74 13.47 -11.79 -15.93
CA ASP A 74 14.11 -13.04 -15.55
C ASP A 74 15.59 -12.83 -15.35
N ASP A 75 15.99 -11.57 -15.29
CA ASP A 75 17.40 -11.24 -15.11
C ASP A 75 17.55 -9.86 -14.47
N MET A 76 16.74 -9.58 -13.44
CA MET A 76 16.73 -8.28 -12.77
C MET A 76 18.09 -7.98 -12.10
N PRO A 77 18.69 -8.93 -11.40
CA PRO A 77 19.98 -8.55 -10.81
C PRO A 77 20.94 -7.91 -11.84
N ASN A 78 21.07 -8.56 -13.01
CA ASN A 78 22.00 -8.08 -14.03
C ASN A 78 21.49 -6.76 -14.54
N ALA A 79 20.21 -6.73 -14.91
CA ALA A 79 19.52 -5.51 -15.35
C ALA A 79 19.75 -4.31 -14.43
N LEU A 80 19.53 -4.49 -13.12
CA LEU A 80 19.59 -3.35 -12.17
C LEU A 80 20.83 -3.28 -11.32
N SER A 81 21.84 -4.09 -11.60
CA SER A 81 23.04 -4.17 -10.75
C SER A 81 23.62 -2.78 -10.38
N ALA A 82 23.76 -1.98 -11.41
CA ALA A 82 24.20 -0.60 -11.25
C ALA A 82 23.34 0.26 -10.32
N LEU A 83 22.02 0.09 -10.37
CA LEU A 83 21.15 0.86 -9.49
C LEU A 83 21.17 0.30 -8.07
N SER A 84 21.54 -0.98 -7.95
CA SER A 84 21.85 -1.54 -6.64
C SER A 84 23.07 -0.86 -6.04
N ASP A 85 24.21 -0.88 -6.74
CA ASP A 85 25.41 -0.22 -6.26
C ASP A 85 25.06 1.18 -5.73
N LEU A 86 24.47 1.99 -6.60
CA LEU A 86 24.01 3.32 -6.22
C LEU A 86 23.19 3.30 -4.90
N HIS A 87 22.13 2.51 -4.87
CA HIS A 87 21.10 2.73 -3.83
C HIS A 87 21.61 2.14 -2.51
N ALA A 88 22.21 0.95 -2.63
CA ALA A 88 22.64 0.16 -1.50
C ALA A 88 24.03 0.63 -1.09
N HIS A 89 24.88 0.81 -2.08
CA HIS A 89 26.32 0.95 -1.84
C HIS A 89 26.86 2.41 -1.76
N LYS A 90 26.09 3.38 -2.23
CA LYS A 90 26.52 4.77 -2.20
C LYS A 90 25.59 5.75 -1.50
N LEU A 91 24.30 5.75 -1.81
CA LEU A 91 23.41 6.65 -1.07
C LEU A 91 23.02 6.02 0.31
N ARG A 92 23.29 4.73 0.42
CA ARG A 92 22.92 3.94 1.58
C ARG A 92 21.47 4.13 2.04
N VAL A 93 20.55 3.62 1.21
CA VAL A 93 19.16 3.95 1.40
C VAL A 93 18.55 2.97 2.38
N ASP A 94 18.00 3.51 3.45
CA ASP A 94 17.28 2.69 4.39
C ASP A 94 16.31 1.77 3.64
N PRO A 95 16.42 0.47 3.88
CA PRO A 95 15.56 -0.50 3.21
C PRO A 95 14.06 -0.25 3.45
N VAL A 96 13.70 0.24 4.64
CA VAL A 96 12.29 0.41 4.94
C VAL A 96 11.61 1.32 3.89
N ASN A 97 12.41 2.16 3.25
CA ASN A 97 11.87 3.15 2.35
C ASN A 97 11.40 2.52 1.05
N PHE A 98 11.96 1.38 0.66
CA PHE A 98 11.53 0.74 -0.57
C PHE A 98 10.13 0.23 -0.41
N LYS A 99 9.73 -0.19 0.80
CA LYS A 99 8.33 -0.60 1.04
C LYS A 99 7.39 0.62 0.89
N LEU A 100 7.80 1.76 1.39
CA LEU A 100 6.91 2.89 1.37
C LEU A 100 6.73 3.33 -0.06
N LEU A 101 7.75 3.21 -0.89
CA LEU A 101 7.62 3.64 -2.24
C LEU A 101 6.75 2.64 -3.00
N SER A 102 6.92 1.35 -2.73
CA SER A 102 6.21 0.34 -3.51
C SER A 102 4.78 0.53 -3.14
N HIS A 103 4.53 0.88 -1.89
CA HIS A 103 3.14 1.03 -1.49
C HIS A 103 2.52 2.19 -2.29
N CYS A 104 3.21 3.32 -2.36
CA CYS A 104 2.71 4.49 -3.10
C CYS A 104 2.50 4.24 -4.60
N LEU A 105 3.42 3.51 -5.22
CA LEU A 105 3.26 2.98 -6.56
C LEU A 105 1.95 2.16 -6.73
N LEU A 106 1.63 1.30 -5.80
CA LEU A 106 0.44 0.47 -5.90
C LEU A 106 -0.79 1.33 -5.77
N VAL A 107 -0.79 2.29 -4.84
CA VAL A 107 -1.85 3.30 -4.75
C VAL A 107 -2.02 4.11 -6.07
N THR A 108 -0.93 4.54 -6.71
CA THR A 108 -0.99 5.32 -7.94
C THR A 108 -1.67 4.47 -9.02
N LEU A 109 -1.19 3.23 -9.15
CA LEU A 109 -1.71 2.27 -10.13
C LEU A 109 -3.18 1.94 -9.86
N ALA A 110 -3.57 1.78 -8.60
CA ALA A 110 -4.98 1.54 -8.30
C ALA A 110 -5.84 2.76 -8.65
N ALA A 111 -5.24 3.96 -8.57
CA ALA A 111 -5.92 5.22 -8.77
C ALA A 111 -6.18 5.48 -10.28
N HIS A 112 -5.48 4.78 -11.15
CA HIS A 112 -5.49 5.08 -12.58
C HIS A 112 -5.97 3.89 -13.41
N LEU A 113 -5.91 2.68 -12.86
CA LEU A 113 -6.19 1.49 -13.63
C LEU A 113 -7.30 0.68 -12.99
N PRO A 114 -8.55 1.20 -12.92
CA PRO A 114 -9.53 0.48 -12.06
C PRO A 114 -9.98 -0.87 -12.65
N ALA A 115 -9.91 -1.02 -13.97
CA ALA A 115 -10.20 -2.31 -14.52
C ALA A 115 -9.09 -3.31 -14.25
N GLU A 116 -7.81 -2.96 -14.42
CA GLU A 116 -6.74 -3.99 -14.29
C GLU A 116 -6.15 -4.25 -12.89
N PHE A 117 -6.56 -3.45 -11.90
CA PHE A 117 -6.03 -3.65 -10.60
C PHE A 117 -6.94 -4.58 -9.87
N THR A 118 -6.96 -5.84 -10.29
CA THR A 118 -7.75 -6.84 -9.56
C THR A 118 -6.97 -7.36 -8.36
N PRO A 119 -7.58 -8.23 -7.58
CA PRO A 119 -6.83 -8.86 -6.49
C PRO A 119 -5.56 -9.55 -6.93
N ALA A 120 -5.65 -10.35 -7.99
CA ALA A 120 -4.55 -11.15 -8.53
C ALA A 120 -3.39 -10.31 -9.06
N VAL A 121 -3.73 -9.28 -9.83
CA VAL A 121 -2.75 -8.32 -10.35
C VAL A 121 -2.08 -7.52 -9.24
N HIS A 122 -2.86 -7.16 -8.24
CA HIS A 122 -2.40 -6.42 -7.08
C HIS A 122 -1.33 -7.31 -6.41
N ALA A 123 -1.63 -8.62 -6.31
CA ALA A 123 -0.73 -9.61 -5.65
C ALA A 123 0.55 -9.73 -6.42
N SER A 124 0.43 -9.94 -7.75
CA SER A 124 1.59 -9.98 -8.67
C SER A 124 2.48 -8.74 -8.56
N LEU A 125 1.81 -7.58 -8.62
CA LEU A 125 2.44 -6.31 -8.68
C LEU A 125 3.23 -6.07 -7.37
N ASP A 126 2.66 -6.52 -6.25
CA ASP A 126 3.30 -6.48 -4.94
C ASP A 126 4.53 -7.35 -4.87
N LYS A 127 4.46 -8.51 -5.51
CA LYS A 127 5.59 -9.41 -5.52
C LYS A 127 6.68 -8.86 -6.40
N PHE A 128 6.29 -8.33 -7.56
CA PHE A 128 7.24 -7.76 -8.51
C PHE A 128 8.04 -6.66 -7.78
N LEU A 129 7.33 -5.71 -7.16
CA LEU A 129 8.00 -4.57 -6.48
C LEU A 129 8.87 -5.00 -5.28
N ALA A 130 8.47 -6.09 -4.61
CA ALA A 130 9.27 -6.75 -3.57
C ALA A 130 10.54 -7.34 -4.12
N SER A 131 10.50 -7.83 -5.34
CA SER A 131 11.74 -8.32 -5.96
C SER A 131 12.66 -7.18 -6.34
N VAL A 132 12.09 -6.17 -6.99
CA VAL A 132 12.91 -5.06 -7.40
C VAL A 132 13.62 -4.48 -6.17
N SER A 133 12.87 -4.34 -5.06
CA SER A 133 13.42 -3.88 -3.78
C SER A 133 14.54 -4.72 -3.23
N THR A 134 14.36 -6.03 -3.25
CA THR A 134 15.40 -6.99 -2.86
C THR A 134 16.66 -6.79 -3.65
N VAL A 135 16.54 -6.70 -4.97
CA VAL A 135 17.74 -6.43 -5.78
C VAL A 135 18.35 -5.09 -5.41
N LEU A 136 17.54 -4.07 -5.19
CA LEU A 136 18.09 -2.76 -4.87
C LEU A 136 18.82 -2.67 -3.52
N THR A 137 18.41 -3.49 -2.57
CA THR A 137 19.02 -3.48 -1.25
C THR A 137 20.08 -4.58 -1.18
N SER A 138 20.37 -5.21 -2.33
CA SER A 138 21.16 -6.46 -2.44
C SER A 138 22.55 -6.37 -1.83
N LYS A 139 23.22 -5.23 -2.02
CA LYS A 139 24.50 -4.95 -1.34
C LYS A 139 24.40 -5.22 0.16
N TYR A 140 23.44 -4.56 0.78
CA TYR A 140 23.16 -4.76 2.19
C TYR A 140 23.27 -6.22 2.63
N ARG A 141 22.78 -7.15 1.82
CA ARG A 141 23.03 -8.58 2.02
C ARG A 141 23.82 -9.11 0.83
N VAL B 1 -3.81 10.52 16.81
CA VAL B 1 -3.32 11.30 15.66
C VAL B 1 -3.99 12.68 15.70
N HIS B 2 -3.27 13.66 15.17
CA HIS B 2 -3.65 15.07 15.24
C HIS B 2 -4.67 15.48 14.21
N LEU B 3 -4.24 15.56 12.95
CA LEU B 3 -5.15 15.94 11.84
C LEU B 3 -5.58 17.41 11.87
N THR B 4 -5.29 18.10 10.79
CA THR B 4 -5.59 19.52 10.71
C THR B 4 -7.00 19.69 10.18
N PRO B 5 -7.62 20.85 10.39
CA PRO B 5 -8.94 21.10 9.83
C PRO B 5 -9.11 20.61 8.39
N GLU B 6 -8.10 20.79 7.57
CA GLU B 6 -8.21 20.44 6.18
C GLU B 6 -7.97 18.98 5.97
N GLU B 7 -7.13 18.35 6.80
CA GLU B 7 -6.91 16.89 6.71
C GLU B 7 -8.18 16.14 7.09
N LYS B 8 -8.83 16.66 8.13
CA LYS B 8 -10.09 16.11 8.62
C LYS B 8 -11.19 16.31 7.57
N SER B 9 -11.23 17.51 7.04
CA SER B 9 -12.12 17.79 5.97
C SER B 9 -11.93 16.70 4.90
N ALA B 10 -10.67 16.43 4.56
CA ALA B 10 -10.35 15.53 3.44
C ALA B 10 -10.69 14.09 3.76
N VAL B 11 -10.54 13.72 5.02
CA VAL B 11 -10.78 12.36 5.44
C VAL B 11 -12.29 12.09 5.57
N THR B 12 -12.99 13.14 5.99
CA THR B 12 -14.40 13.08 6.32
C THR B 12 -15.32 13.25 5.12
N ALA B 13 -14.97 14.09 4.18
CA ALA B 13 -15.76 14.07 2.95
C ALA B 13 -15.74 12.69 2.23
N LEU B 14 -14.60 12.01 2.29
CA LEU B 14 -14.39 10.84 1.46
C LEU B 14 -15.07 9.68 2.14
N TRP B 15 -14.94 9.64 3.45
CA TRP B 15 -15.44 8.51 4.20
C TRP B 15 -16.97 8.38 4.16
N GLY B 16 -17.65 9.53 4.26
CA GLY B 16 -19.06 9.64 3.94
C GLY B 16 -19.49 9.00 2.62
N LYS B 17 -18.61 9.00 1.64
CA LYS B 17 -18.94 8.47 0.34
C LYS B 17 -18.71 6.98 0.26
N VAL B 18 -18.15 6.38 1.31
CA VAL B 18 -17.64 5.02 1.20
C VAL B 18 -18.77 4.00 1.21
N ASN B 19 -18.78 3.05 0.29
CA ASN B 19 -19.73 1.97 0.42
C ASN B 19 -19.34 1.06 1.58
N VAL B 20 -19.94 1.30 2.73
CA VAL B 20 -19.68 0.47 3.90
C VAL B 20 -20.27 -0.96 3.87
N ASP B 21 -20.47 -1.51 2.68
CA ASP B 21 -21.00 -2.85 2.59
C ASP B 21 -20.04 -3.68 1.83
N GLU B 22 -19.18 -3.01 1.07
CA GLU B 22 -18.37 -3.71 0.09
C GLU B 22 -16.86 -3.52 0.29
N VAL B 23 -16.43 -2.27 0.47
CA VAL B 23 -15.02 -1.88 0.68
C VAL B 23 -14.41 -2.72 1.81
N GLY B 24 -15.19 -2.86 2.88
CA GLY B 24 -14.77 -3.63 4.02
C GLY B 24 -14.51 -5.07 3.72
N GLY B 25 -15.16 -5.62 2.70
CA GLY B 25 -14.88 -6.99 2.30
C GLY B 25 -13.73 -7.06 1.32
N GLU B 26 -13.59 -6.04 0.46
CA GLU B 26 -12.49 -5.99 -0.49
C GLU B 26 -11.14 -5.91 0.22
N ALA B 27 -11.06 -5.17 1.34
CA ALA B 27 -9.80 -4.99 2.00
C ALA B 27 -9.31 -6.29 2.58
N LEU B 28 -10.23 -7.00 3.24
CA LEU B 28 -9.92 -8.26 3.91
C LEU B 28 -9.60 -9.29 2.84
N GLY B 29 -10.41 -9.33 1.78
CA GLY B 29 -10.16 -10.27 0.71
C GLY B 29 -8.77 -10.08 0.15
N ARG B 30 -8.46 -8.84 -0.26
CA ARG B 30 -7.12 -8.52 -0.75
C ARG B 30 -5.98 -8.76 0.28
N LEU B 31 -6.19 -8.45 1.57
CA LEU B 31 -5.22 -8.84 2.63
C LEU B 31 -4.87 -10.33 2.54
N LEU B 32 -5.89 -11.18 2.46
CA LEU B 32 -5.68 -12.66 2.39
C LEU B 32 -4.96 -13.05 1.12
N VAL B 33 -5.32 -12.44 0.00
CA VAL B 33 -4.76 -12.83 -1.27
C VAL B 33 -3.32 -12.37 -1.35
N VAL B 34 -3.06 -11.12 -1.00
CA VAL B 34 -1.73 -10.53 -1.19
C VAL B 34 -0.74 -10.97 -0.09
N TYR B 35 -1.23 -11.11 1.13
CA TYR B 35 -0.40 -11.56 2.24
C TYR B 35 -0.99 -12.84 2.83
N PRO B 36 -0.84 -13.97 2.08
CA PRO B 36 -1.35 -15.33 2.38
C PRO B 36 -1.09 -15.88 3.80
N TRP B 37 0.00 -15.49 4.46
CA TRP B 37 0.18 -15.87 5.86
C TRP B 37 -0.99 -15.54 6.73
N THR B 38 -1.67 -14.43 6.45
CA THR B 38 -2.78 -13.96 7.30
C THR B 38 -3.96 -14.92 7.20
N GLN B 39 -3.97 -15.77 6.17
CA GLN B 39 -5.04 -16.75 5.98
C GLN B 39 -5.11 -17.71 7.18
N ARG B 40 -3.94 -17.99 7.79
CA ARG B 40 -3.90 -18.83 8.98
C ARG B 40 -4.97 -18.49 9.98
N PHE B 41 -5.33 -17.21 10.06
CA PHE B 41 -6.22 -16.80 11.11
C PHE B 41 -7.68 -17.03 10.71
N PHE B 42 -7.93 -17.39 9.45
CA PHE B 42 -9.27 -17.34 8.84
C PHE B 42 -9.58 -18.63 8.12
N GLU B 43 -8.88 -19.69 8.50
CA GLU B 43 -9.02 -21.03 7.91
C GLU B 43 -10.44 -21.59 8.10
N SER B 44 -11.14 -21.06 9.09
CA SER B 44 -12.55 -21.40 9.25
C SER B 44 -13.45 -20.78 8.19
N PHE B 45 -12.97 -19.74 7.53
CA PHE B 45 -13.74 -19.07 6.48
C PHE B 45 -13.95 -20.00 5.30
N GLY B 46 -13.07 -20.96 5.13
CA GLY B 46 -13.29 -21.95 4.10
C GLY B 46 -12.55 -21.76 2.82
N ASP B 47 -13.14 -22.29 1.77
CA ASP B 47 -12.60 -22.23 0.40
C ASP B 47 -11.85 -20.90 0.21
N LEU B 48 -10.52 -20.94 0.36
CA LEU B 48 -9.69 -19.76 0.10
C LEU B 48 -8.46 -20.06 -0.75
N SER B 49 -8.53 -21.08 -1.60
CA SER B 49 -7.34 -21.46 -2.38
C SER B 49 -7.03 -20.56 -3.56
N THR B 50 -8.03 -19.82 -4.05
CA THR B 50 -7.77 -18.92 -5.15
C THR B 50 -8.33 -17.56 -4.81
N PRO B 51 -7.89 -16.52 -5.55
CA PRO B 51 -8.38 -15.17 -5.27
C PRO B 51 -9.88 -15.05 -5.49
N ASP B 52 -10.42 -15.79 -6.47
CA ASP B 52 -11.87 -15.71 -6.76
C ASP B 52 -12.69 -16.43 -5.68
N ALA B 53 -12.18 -17.58 -5.26
CA ALA B 53 -12.59 -18.17 -3.98
C ALA B 53 -12.77 -17.13 -2.88
N VAL B 54 -11.64 -16.56 -2.44
CA VAL B 54 -11.61 -15.52 -1.39
C VAL B 54 -12.57 -14.36 -1.62
N MET B 55 -12.60 -13.81 -2.82
CA MET B 55 -13.36 -12.60 -3.01
C MET B 55 -14.86 -12.84 -2.97
N GLY B 56 -15.27 -14.07 -3.30
CA GLY B 56 -16.69 -14.40 -3.24
C GLY B 56 -17.16 -15.03 -1.93
N ASN B 57 -16.27 -15.20 -0.96
CA ASN B 57 -16.59 -15.90 0.26
C ASN B 57 -17.51 -15.04 1.11
N PRO B 58 -18.72 -15.56 1.43
CA PRO B 58 -19.68 -14.70 2.12
C PRO B 58 -19.22 -14.28 3.48
N LYS B 59 -18.47 -15.15 4.15
CA LYS B 59 -17.98 -14.78 5.47
C LYS B 59 -16.86 -13.71 5.43
N VAL B 60 -16.12 -13.64 4.32
CA VAL B 60 -15.12 -12.59 4.13
C VAL B 60 -15.75 -11.20 4.08
N LYS B 61 -16.82 -11.07 3.30
CA LYS B 61 -17.53 -9.77 3.10
C LYS B 61 -18.31 -9.45 4.35
N ALA B 62 -18.69 -10.49 5.07
CA ALA B 62 -19.37 -10.35 6.33
C ALA B 62 -18.44 -9.81 7.41
N HIS B 63 -17.25 -10.39 7.49
CA HIS B 63 -16.27 -9.94 8.46
C HIS B 63 -15.57 -8.60 8.10
N GLY B 64 -15.41 -8.34 6.80
CA GLY B 64 -14.80 -7.08 6.40
C GLY B 64 -15.65 -5.91 6.85
N LYS B 65 -16.96 -6.13 6.98
CA LYS B 65 -17.90 -5.13 7.49
C LYS B 65 -17.63 -4.78 8.94
N LYS B 66 -17.41 -5.80 9.75
CA LYS B 66 -17.06 -5.58 11.16
C LYS B 66 -15.82 -4.69 11.25
N VAL B 67 -14.88 -4.96 10.34
CA VAL B 67 -13.62 -4.24 10.35
C VAL B 67 -13.84 -2.79 10.00
N LEU B 68 -14.59 -2.54 8.91
CA LEU B 68 -14.90 -1.17 8.48
C LEU B 68 -15.57 -0.37 9.56
N GLY B 69 -16.49 -0.99 10.31
CA GLY B 69 -17.15 -0.34 11.45
C GLY B 69 -16.20 0.12 12.53
N ALA B 70 -15.20 -0.70 12.84
CA ALA B 70 -14.15 -0.28 13.78
C ALA B 70 -13.38 0.90 13.21
N PHE B 71 -13.19 0.97 11.90
CA PHE B 71 -12.51 2.13 11.38
C PHE B 71 -13.38 3.38 11.55
N SER B 72 -14.67 3.25 11.26
CA SER B 72 -15.56 4.38 11.45
C SER B 72 -15.51 4.88 12.90
N ASP B 73 -15.43 3.96 13.88
CA ASP B 73 -15.25 4.40 15.27
C ASP B 73 -14.04 5.26 15.53
N GLY B 74 -12.86 4.76 15.15
CA GLY B 74 -11.64 5.56 15.23
C GLY B 74 -11.78 6.93 14.56
N LEU B 75 -12.38 6.96 13.36
CA LEU B 75 -12.71 8.22 12.74
C LEU B 75 -13.58 9.07 13.67
N ALA B 76 -14.56 8.46 14.33
CA ALA B 76 -15.41 9.19 15.25
C ALA B 76 -14.54 9.73 16.37
N HIS B 77 -13.62 8.93 16.90
CA HIS B 77 -12.88 9.35 18.09
C HIS B 77 -11.37 9.42 17.92
N LEU B 78 -10.92 10.20 16.96
CA LEU B 78 -9.49 10.31 16.70
C LEU B 78 -8.66 10.72 17.96
N ASP B 79 -9.32 11.40 18.89
CA ASP B 79 -8.66 12.08 19.99
C ASP B 79 -8.42 11.07 21.07
N ASN B 80 -9.06 9.90 20.90
CA ASN B 80 -9.06 8.83 21.89
C ASN B 80 -9.19 7.50 21.19
N LEU B 81 -8.17 7.17 20.37
CA LEU B 81 -8.06 5.89 19.64
C LEU B 81 -7.82 4.74 20.60
N LYS B 82 -7.03 5.03 21.60
CA LYS B 82 -6.67 4.07 22.62
C LYS B 82 -7.84 3.53 23.40
N GLY B 83 -8.61 4.44 24.01
CA GLY B 83 -9.81 4.05 24.71
C GLY B 83 -10.78 3.40 23.74
N THR B 84 -10.87 3.94 22.51
CA THR B 84 -11.77 3.41 21.49
C THR B 84 -11.44 1.98 21.11
N PHE B 85 -10.14 1.63 21.15
CA PHE B 85 -9.70 0.32 20.65
C PHE B 85 -9.29 -0.72 21.69
N ALA B 86 -9.39 -0.39 22.98
CA ALA B 86 -8.88 -1.28 24.05
C ALA B 86 -9.45 -2.72 24.00
N THR B 87 -10.74 -2.79 23.80
CA THR B 87 -11.34 -4.09 23.83
C THR B 87 -10.80 -4.86 22.62
N LEU B 88 -10.54 -4.16 21.51
CA LEU B 88 -10.04 -4.83 20.29
C LEU B 88 -8.56 -5.19 20.45
N SER B 89 -7.83 -4.32 21.14
CA SER B 89 -6.40 -4.54 21.29
C SER B 89 -6.13 -5.78 22.12
N GLU B 90 -6.72 -5.81 23.31
CA GLU B 90 -6.75 -7.02 24.13
C GLU B 90 -7.07 -8.29 23.37
N LEU B 91 -8.12 -8.26 22.54
CA LEU B 91 -8.46 -9.39 21.66
C LEU B 91 -7.29 -9.78 20.73
N HIS B 92 -6.76 -8.77 20.03
CA HIS B 92 -5.86 -9.04 18.91
C HIS B 92 -4.46 -9.41 19.46
N CYS B 93 -4.16 -8.86 20.62
CA CYS B 93 -2.85 -9.00 21.24
C CYS B 93 -2.85 -10.24 22.15
N ASP B 94 -3.69 -10.21 23.19
CA ASP B 94 -3.69 -11.23 24.23
C ASP B 94 -4.25 -12.54 23.74
N LYS B 95 -5.40 -12.49 23.09
CA LYS B 95 -6.05 -13.70 22.66
C LYS B 95 -5.36 -14.22 21.44
N LEU B 96 -5.43 -13.47 20.34
CA LEU B 96 -5.04 -13.98 19.03
C LEU B 96 -3.52 -14.02 18.79
N HIS B 97 -2.76 -13.17 19.49
CA HIS B 97 -1.32 -13.02 19.23
C HIS B 97 -0.93 -12.53 17.79
N VAL B 98 -1.68 -11.54 17.27
CA VAL B 98 -1.41 -11.03 15.89
C VAL B 98 -0.20 -10.09 15.92
N ASP B 99 0.74 -10.27 14.98
CA ASP B 99 1.93 -9.43 15.01
C ASP B 99 1.46 -8.10 14.49
N PRO B 100 1.81 -7.03 15.18
CA PRO B 100 1.29 -5.69 14.91
C PRO B 100 1.62 -5.23 13.52
N GLU B 101 2.66 -5.80 12.92
CA GLU B 101 2.99 -5.45 11.53
C GLU B 101 1.83 -5.71 10.61
N ASN B 102 1.03 -6.72 10.89
CA ASN B 102 -0.13 -6.98 10.03
C ASN B 102 -1.28 -5.99 10.14
N PHE B 103 -1.30 -5.20 11.23
CA PHE B 103 -2.21 -4.07 11.38
C PHE B 103 -1.80 -3.01 10.35
N ARG B 104 -0.49 -2.79 10.21
CA ARG B 104 0.00 -1.85 9.24
C ARG B 104 -0.42 -2.25 7.81
N LEU B 105 -0.32 -3.52 7.52
CA LEU B 105 -0.55 -4.01 6.18
C LEU B 105 -2.00 -3.91 5.78
N LEU B 106 -2.88 -4.18 6.72
CA LEU B 106 -4.31 -4.03 6.50
C LEU B 106 -4.64 -2.54 6.30
N GLY B 107 -3.96 -1.71 7.09
CA GLY B 107 -4.13 -0.30 6.91
C GLY B 107 -3.80 0.04 5.51
N ASN B 108 -2.62 -0.37 5.07
CA ASN B 108 -2.21 -0.01 3.71
C ASN B 108 -3.05 -0.68 2.58
N VAL B 109 -3.52 -1.92 2.76
CA VAL B 109 -4.34 -2.41 1.68
C VAL B 109 -5.66 -1.61 1.69
N LEU B 110 -6.13 -1.15 2.87
CA LEU B 110 -7.33 -0.27 2.95
C LEU B 110 -7.15 1.02 2.14
N VAL B 111 -5.98 1.63 2.23
CA VAL B 111 -5.66 2.81 1.43
C VAL B 111 -5.68 2.51 -0.10
N CYS B 112 -5.11 1.39 -0.54
CA CYS B 112 -5.25 0.97 -1.94
C CYS B 112 -6.72 0.84 -2.34
N VAL B 113 -7.53 0.19 -1.50
CA VAL B 113 -8.89 0.00 -1.87
C VAL B 113 -9.61 1.33 -2.12
N LEU B 114 -9.39 2.31 -1.24
CA LEU B 114 -9.97 3.63 -1.43
C LEU B 114 -9.45 4.31 -2.68
N ALA B 115 -8.15 4.10 -3.00
CA ALA B 115 -7.60 4.64 -4.21
C ALA B 115 -8.29 4.02 -5.39
N HIS B 116 -8.64 2.76 -5.27
CA HIS B 116 -9.14 2.00 -6.39
C HIS B 116 -10.59 2.41 -6.64
N HIS B 117 -11.30 2.66 -5.55
CA HIS B 117 -12.67 3.07 -5.61
C HIS B 117 -12.87 4.49 -6.08
N PHE B 118 -12.03 5.40 -5.57
CA PHE B 118 -12.26 6.81 -5.76
C PHE B 118 -11.33 7.43 -6.81
N GLY B 119 -10.33 6.69 -7.29
CA GLY B 119 -9.59 7.16 -8.42
C GLY B 119 -8.98 8.53 -8.12
N LYS B 120 -9.04 9.46 -9.09
CA LYS B 120 -8.32 10.73 -8.99
C LYS B 120 -8.77 11.55 -7.80
N GLU B 121 -9.94 11.23 -7.27
CA GLU B 121 -10.44 11.92 -6.11
C GLU B 121 -9.45 11.66 -4.95
N PHE B 122 -8.67 10.58 -5.04
CA PHE B 122 -7.90 10.15 -3.91
C PHE B 122 -6.53 10.72 -4.09
N THR B 123 -6.46 12.04 -4.09
CA THR B 123 -5.24 12.75 -4.41
C THR B 123 -4.18 12.48 -3.35
N PRO B 124 -2.97 13.01 -3.55
CA PRO B 124 -1.90 12.70 -2.60
C PRO B 124 -2.14 13.35 -1.23
N PRO B 125 -2.71 14.58 -1.20
CA PRO B 125 -2.99 15.13 0.12
C PRO B 125 -4.02 14.25 0.86
N VAL B 126 -4.98 13.70 0.14
CA VAL B 126 -6.02 12.94 0.83
C VAL B 126 -5.38 11.57 1.25
N GLN B 127 -4.44 11.08 0.46
CA GLN B 127 -3.72 9.92 0.91
C GLN B 127 -2.95 10.15 2.21
N ALA B 128 -2.13 11.21 2.23
CA ALA B 128 -1.29 11.55 3.40
C ALA B 128 -2.12 11.62 4.66
N ALA B 129 -3.28 12.23 4.53
CA ALA B 129 -4.17 12.28 5.67
C ALA B 129 -4.66 10.89 6.12
N TYR B 130 -4.99 10.00 5.19
CA TYR B 130 -5.46 8.66 5.54
C TYR B 130 -4.31 7.79 6.10
N GLN B 131 -3.07 8.02 5.64
CA GLN B 131 -1.91 7.31 6.22
C GLN B 131 -1.75 7.61 7.72
N LYS B 132 -2.05 8.84 8.14
CA LYS B 132 -1.94 9.20 9.54
C LYS B 132 -2.91 8.38 10.32
N VAL B 133 -4.14 8.32 9.81
CA VAL B 133 -5.25 7.75 10.52
C VAL B 133 -4.95 6.27 10.67
N VAL B 134 -4.81 5.61 9.53
CA VAL B 134 -4.39 4.22 9.44
C VAL B 134 -3.21 3.87 10.44
N ALA B 135 -2.21 4.75 10.52
CA ALA B 135 -1.12 4.53 11.42
C ALA B 135 -1.57 4.70 12.83
N GLY B 136 -2.52 5.60 13.11
CA GLY B 136 -3.03 5.75 14.47
C GLY B 136 -3.89 4.56 14.92
N VAL B 137 -4.66 4.01 14.02
CA VAL B 137 -5.40 2.82 14.34
C VAL B 137 -4.44 1.61 14.59
N ALA B 138 -3.40 1.48 13.78
CA ALA B 138 -2.50 0.35 13.92
C ALA B 138 -1.83 0.50 15.27
N ASN B 139 -1.43 1.72 15.60
CA ASN B 139 -0.70 1.96 16.82
C ASN B 139 -1.62 1.65 18.00
N ALA B 140 -2.87 2.05 17.89
CA ALA B 140 -3.82 1.78 18.95
C ALA B 140 -4.13 0.29 19.16
N LEU B 141 -4.23 -0.45 18.05
CA LEU B 141 -4.59 -1.84 18.19
C LEU B 141 -3.46 -2.55 18.90
N ALA B 142 -2.25 -2.03 18.75
CA ALA B 142 -1.07 -2.75 19.21
C ALA B 142 -0.76 -2.37 20.63
N HIS B 143 -1.55 -1.43 21.16
CA HIS B 143 -1.25 -0.84 22.47
C HIS B 143 -0.94 -1.89 23.57
N LYS B 144 -1.69 -2.98 23.57
CA LYS B 144 -1.58 -3.98 24.64
C LYS B 144 -0.23 -4.66 24.58
N TYR B 145 0.40 -4.61 23.42
CA TYR B 145 1.79 -5.06 23.34
C TYR B 145 2.68 -4.06 24.07
N HIS B 146 2.48 -2.78 23.76
CA HIS B 146 3.31 -1.69 24.27
C HIS B 146 3.51 -1.73 25.80
CHA HEM C . 18.29 8.04 -7.78
CHB HEM C . 15.46 4.41 -9.24
CHC HEM C . 13.97 3.75 -4.74
CHD HEM C . 16.71 7.35 -3.24
C1A HEM C . 17.64 7.17 -8.59
C2A HEM C . 17.88 7.05 -10.09
C3A HEM C . 17.08 6.00 -10.37
C4A HEM C . 16.39 5.51 -9.20
CMA HEM C . 16.64 5.41 -11.70
CAA HEM C . 18.74 7.91 -11.06
CBA HEM C . 19.93 7.04 -11.50
CGA HEM C . 21.21 7.81 -11.88
O1A HEM C . 22.20 7.14 -12.31
O2A HEM C . 21.30 9.05 -11.65
C1B HEM C . 14.83 3.87 -8.14
C2B HEM C . 13.91 2.74 -8.20
C3B HEM C . 13.58 2.57 -6.93
C4B HEM C . 14.14 3.64 -6.13
CMB HEM C . 13.36 1.98 -9.37
CAB HEM C . 13.01 1.41 -6.38
CBB HEM C . 11.69 0.94 -6.57
C1C HEM C . 14.62 4.62 -3.84
C2C HEM C . 14.15 4.94 -2.51
C3C HEM C . 14.77 6.08 -2.15
C4C HEM C . 15.66 6.38 -3.24
CMC HEM C . 13.32 4.02 -1.65
CAC HEM C . 14.86 6.59 -0.85
CBC HEM C . 14.06 7.52 -0.35
C1D HEM C . 17.45 7.76 -4.31
C2D HEM C . 18.46 8.85 -4.25
C3D HEM C . 18.91 8.96 -5.54
C4D HEM C . 18.14 8.06 -6.40
CMD HEM C . 18.70 9.86 -3.11
CAD HEM C . 19.81 9.99 -6.06
CBD HEM C . 18.74 11.05 -6.16
CGD HEM C . 19.24 12.37 -6.69
O1D HEM C . 20.46 12.54 -6.92
O2D HEM C . 18.37 13.21 -6.96
NA HEM C . 16.73 6.26 -8.10
NB HEM C . 14.95 4.39 -6.87
NC HEM C . 15.47 5.56 -4.30
ND HEM C . 17.26 7.30 -5.63
FE HEM C . 16.09 5.87 -6.23
C NPN D . 15.00 7.10 -6.54
N NPN D . 13.91 7.36 -6.38
C1 NPN D . 13.26 8.59 -6.26
C2 NPN D . 12.32 8.61 -5.07
C3 NPN D . 12.24 7.28 -4.35
CHA HEM E . -11.72 -9.90 14.87
CHB HEM E . -10.89 -5.19 13.78
CHC HEM E . -6.71 -6.53 11.82
CHD HEM E . -7.51 -11.16 12.86
C1A HEM E . -11.93 -8.52 14.73
C2A HEM E . -13.21 -7.75 14.91
C3A HEM E . -12.97 -6.52 14.56
C4A HEM E . -11.59 -6.37 14.09
CMA HEM E . -13.97 -5.50 14.71
CAA HEM E . -14.58 -8.22 15.29
CBA HEM E . -14.55 -8.64 16.76
CGA HEM E . -15.94 -8.74 17.37
O1A HEM E . -16.17 -8.13 18.45
O2A HEM E . -16.80 -9.41 16.77
C1B HEM E . -9.61 -5.18 13.29
C2B HEM E . -8.96 -3.99 12.84
C3B HEM E . -7.72 -4.25 12.29
C4B HEM E . -7.74 -5.78 12.35
CMB HEM E . -9.64 -2.59 12.72
CAB HEM E . -6.56 -3.40 12.22
CBB HEM E . -6.05 -2.44 11.29
C1C HEM E . -6.56 -7.88 11.94
C2C HEM E . -5.40 -8.66 11.36
C3C HEM E . -5.66 -10.00 11.63
C4C HEM E . -6.91 -10.01 12.42
CMC HEM E . -4.12 -8.09 10.70
CAC HEM E . -4.80 -11.12 11.34
CBC HEM E . -4.49 -11.68 10.06
C1D HEM E . -8.78 -11.25 13.32
C2D HEM E . -9.42 -12.50 13.67
C3D HEM E . -10.55 -12.13 14.31
C4D HEM E . -10.67 -10.68 14.26
CMD HEM E . -9.16 -13.98 13.31
CAD HEM E . -11.50 -13.16 14.99
CBD HEM E . -11.53 -13.09 16.50
CGD HEM E . -12.51 -14.08 17.10
O1D HEM E . -13.63 -14.22 16.56
O2D HEM E . -12.14 -14.70 18.15
NA HEM E . -10.97 -7.64 14.16
NB HEM E . -8.87 -6.26 13.01
NC HEM E . -7.46 -8.73 12.59
ND HEM E . -9.56 -10.15 13.62
FE HEM E . -9.17 -8.14 13.50
C NPN F . -9.64 -8.79 11.93
N NPN F . -10.15 -8.41 10.97
C1 NPN F . -10.00 -9.01 9.74
C2 NPN F . -8.54 -8.88 9.24
C3 NPN F . -8.15 -7.39 8.95
#